data_8ABV
#
_entry.id   8ABV
#
_cell.length_a   71.281
_cell.length_b   71.281
_cell.length_c   86.922
_cell.angle_alpha   90.000
_cell.angle_beta   90.000
_cell.angle_gamma   120.000
#
_symmetry.space_group_name_H-M   'P 3 2 1'
#
loop_
_entity.id
_entity.type
_entity.pdbx_description
1 polymer 'SnoaL-like domain-containing protein'
2 non-polymer GLYCEROL
3 non-polymer 'SULFATE ION'
4 non-polymer (1S,2R)-1,2-bis(3-methoxy-4-oxidanyl-phenyl)propane-1,3-diol
5 non-polymer (1R,2S)-1,2-bis(3-methoxy-4-oxidanyl-phenyl)propane-1,3-diol
6 water water
#
_entity_poly.entity_id   1
_entity_poly.type   'polypeptide(L)'
_entity_poly.pdbx_seq_one_letter_code
;MGSSHHHHHHSSGLVPRGSHMMADVETRLAELEKKVQQLEDVNAIRRLQWAYGYYIDYNRPEEVAGLFAKDGVVVFLSGE
YVGYEGVMRLYGTWFQNRFTGGRRGPVHGLLLDHFQLQDIITVAEDGQTAKGRFRGILAGGWHDEVLHEKPDEVPQQFWE
SGLYENDYVKEDGVWKIKRLDYMMQWQGDYETGWAHTVAHLQPALVCYPENPDGPDRILPQKDVRQTWPHRYEVPMSFAH
PVLGKAFMVENFTPMMMKKEKPA
;
_entity_poly.pdbx_strand_id   A
#
loop_
_chem_comp.id
_chem_comp.type
_chem_comp.name
_chem_comp.formula
GOL non-polymer GLYCEROL 'C3 H8 O3'
LJL non-polymer (1R,2S)-1,2-bis(3-methoxy-4-oxidanyl-phenyl)propane-1,3-diol 'C17 H20 O6'
LJU non-polymer (1S,2R)-1,2-bis(3-methoxy-4-oxidanyl-phenyl)propane-1,3-diol 'C17 H20 O6'
SO4 non-polymer 'SULFATE ION' 'O4 S -2'
#
# COMPACT_ATOMS: atom_id res chain seq x y z
N HIS A 20 16.63 -9.78 -44.90
CA HIS A 20 16.26 -8.75 -45.90
C HIS A 20 14.95 -8.10 -45.40
N MET A 21 13.87 -8.27 -46.16
CA MET A 21 12.52 -7.82 -45.75
C MET A 21 12.13 -8.60 -44.50
N MET A 22 12.50 -9.88 -44.45
CA MET A 22 12.11 -10.79 -43.34
C MET A 22 12.90 -10.50 -42.05
N ALA A 23 14.13 -9.98 -42.13
CA ALA A 23 14.84 -9.53 -40.90
C ALA A 23 14.09 -8.34 -40.28
N ASP A 24 13.59 -7.44 -41.13
CA ASP A 24 12.84 -6.24 -40.73
C ASP A 24 11.52 -6.63 -40.05
N VAL A 25 10.79 -7.56 -40.66
CA VAL A 25 9.49 -8.06 -40.14
C VAL A 25 9.75 -8.68 -38.77
N GLU A 26 10.79 -9.50 -38.62
CA GLU A 26 11.14 -10.17 -37.35
C GLU A 26 11.40 -9.11 -36.26
N THR A 27 12.23 -8.10 -36.55
CA THR A 27 12.56 -7.02 -35.60
C THR A 27 11.30 -6.25 -35.17
N ARG A 28 10.41 -5.97 -36.12
CA ARG A 28 9.17 -5.22 -35.85
C ARG A 28 8.24 -6.08 -34.99
N LEU A 29 8.08 -7.36 -35.31
CA LEU A 29 7.24 -8.26 -34.48
C LEU A 29 7.75 -8.30 -33.04
N ALA A 30 9.04 -8.52 -32.86
CA ALA A 30 9.70 -8.73 -31.56
C ALA A 30 9.49 -7.46 -30.72
N GLU A 31 9.64 -6.31 -31.36
CA GLU A 31 9.51 -5.00 -30.72
C GLU A 31 8.04 -4.82 -30.26
N LEU A 32 7.10 -5.12 -31.12
CA LEU A 32 5.66 -5.05 -30.75
C LEU A 32 5.36 -6.05 -29.63
N GLU A 33 5.92 -7.24 -29.68
CA GLU A 33 5.62 -8.28 -28.63
C GLU A 33 6.09 -7.79 -27.27
N LYS A 34 7.24 -7.11 -27.23
CA LYS A 34 7.82 -6.58 -26.00
C LYS A 34 6.94 -5.44 -25.48
N LYS A 35 6.57 -4.51 -26.35
CA LYS A 35 5.76 -3.37 -25.91
C LYS A 35 4.36 -3.83 -25.46
N VAL A 36 3.76 -4.75 -26.19
CA VAL A 36 2.42 -5.25 -25.82
C VAL A 36 2.52 -6.01 -24.49
N GLN A 37 3.61 -6.73 -24.29
CA GLN A 37 3.81 -7.45 -23.01
C GLN A 37 3.84 -6.42 -21.85
N GLN A 38 4.56 -5.30 -22.03
CA GLN A 38 4.70 -4.31 -20.96
C GLN A 38 3.34 -3.66 -20.71
N LEU A 39 2.58 -3.35 -21.75
CA LEU A 39 1.24 -2.73 -21.55
C LEU A 39 0.34 -3.70 -20.73
N GLU A 40 0.41 -4.99 -21.07
CA GLU A 40 -0.39 -6.01 -20.35
C GLU A 40 0.11 -6.09 -18.92
N ASP A 41 1.44 -6.10 -18.71
CA ASP A 41 2.03 -6.14 -17.34
C ASP A 41 1.49 -5.00 -16.46
N VAL A 42 1.46 -3.77 -16.98
CA VAL A 42 0.92 -2.60 -16.24
C VAL A 42 -0.55 -2.83 -15.85
N ASN A 43 -1.39 -3.28 -16.77
CA ASN A 43 -2.80 -3.55 -16.44
C ASN A 43 -2.87 -4.64 -15.38
N ALA A 44 -2.06 -5.70 -15.47
CA ALA A 44 -2.17 -6.84 -14.52
C ALA A 44 -1.70 -6.40 -13.12
N ILE A 45 -0.67 -5.55 -13.02
CA ILE A 45 -0.17 -5.08 -11.71
C ILE A 45 -1.21 -4.14 -11.10
N ARG A 46 -1.82 -3.26 -11.89
CA ARG A 46 -2.84 -2.35 -11.35
C ARG A 46 -4.02 -3.20 -10.85
N ARG A 47 -4.38 -4.23 -11.60
CA ARG A 47 -5.50 -5.12 -11.23
C ARG A 47 -5.24 -5.72 -9.88
N LEU A 48 -3.99 -6.15 -9.61
CA LEU A 48 -3.68 -6.70 -8.29
C LEU A 48 -4.05 -5.70 -7.21
N GLN A 49 -3.57 -4.46 -7.33
CA GLN A 49 -3.75 -3.47 -6.27
C GLN A 49 -5.23 -3.11 -6.11
N TRP A 50 -5.96 -3.01 -7.21
CA TRP A 50 -7.43 -2.67 -7.15
C TRP A 50 -8.21 -3.84 -6.50
N ALA A 51 -7.81 -5.08 -6.85
CA ALA A 51 -8.43 -6.32 -6.31
C ALA A 51 -8.17 -6.41 -4.83
N TYR A 52 -6.89 -6.27 -4.44
CA TYR A 52 -6.49 -6.12 -3.05
C TYR A 52 -7.43 -5.17 -2.32
N GLY A 53 -7.69 -3.98 -2.87
CA GLY A 53 -8.62 -3.01 -2.25
C GLY A 53 -9.99 -3.56 -2.00
N TYR A 54 -10.60 -4.15 -3.01
CA TYR A 54 -11.96 -4.69 -2.87
C TYR A 54 -12.02 -5.83 -1.82
N TYR A 55 -10.97 -6.60 -1.67
CA TYR A 55 -10.92 -7.68 -0.66
C TYR A 55 -10.80 -7.10 0.74
N ILE A 56 -9.92 -6.14 0.92
CA ILE A 56 -9.67 -5.60 2.29
C ILE A 56 -10.94 -4.85 2.72
N ASP A 57 -11.69 -4.23 1.80
CA ASP A 57 -12.92 -3.49 2.17
C ASP A 57 -13.93 -4.44 2.81
N TYR A 58 -13.91 -5.71 2.41
CA TYR A 58 -14.83 -6.79 2.84
C TYR A 58 -14.21 -7.60 3.98
N ASN A 59 -13.07 -7.20 4.53
CA ASN A 59 -12.43 -8.01 5.61
C ASN A 59 -12.34 -9.50 5.17
N ARG A 60 -11.79 -9.73 3.99
CA ARG A 60 -11.54 -11.07 3.37
C ARG A 60 -10.03 -11.33 3.30
N PRO A 61 -9.42 -11.76 4.43
CA PRO A 61 -7.96 -11.89 4.48
C PRO A 61 -7.48 -13.02 3.57
N GLU A 62 -8.29 -14.04 3.34
CA GLU A 62 -7.86 -15.22 2.54
C GLU A 62 -7.52 -14.81 1.11
N GLU A 63 -8.41 -14.06 0.48
CA GLU A 63 -8.23 -13.52 -0.93
C GLU A 63 -6.96 -12.66 -0.94
N VAL A 64 -6.78 -11.84 0.10
CA VAL A 64 -5.56 -10.99 0.20
C VAL A 64 -4.31 -11.86 0.22
N ALA A 65 -4.23 -12.85 1.12
CA ALA A 65 -3.04 -13.74 1.23
C ALA A 65 -2.76 -14.38 -0.13
N GLY A 66 -3.79 -14.80 -0.84
CA GLY A 66 -3.60 -15.44 -2.16
C GLY A 66 -2.92 -14.54 -3.18
N LEU A 67 -3.01 -13.21 -3.04
CA LEU A 67 -2.35 -12.32 -4.03
C LEU A 67 -0.83 -12.34 -3.84
N PHE A 68 -0.32 -12.91 -2.75
CA PHE A 68 1.13 -12.78 -2.47
C PHE A 68 1.91 -13.98 -3.00
N ALA A 69 3.12 -13.73 -3.45
CA ALA A 69 4.14 -14.78 -3.61
C ALA A 69 4.30 -15.48 -2.25
N LYS A 70 4.66 -16.76 -2.21
CA LYS A 70 4.78 -17.48 -0.91
C LYS A 70 5.86 -16.89 0.00
N ASP A 71 6.89 -16.26 -0.55
CA ASP A 71 7.94 -15.53 0.18
C ASP A 71 7.61 -14.03 0.13
N GLY A 72 6.35 -13.69 -0.11
CA GLY A 72 5.91 -12.29 -0.05
C GLY A 72 5.93 -11.74 1.36
N VAL A 73 5.92 -10.41 1.44
CA VAL A 73 5.95 -9.67 2.74
C VAL A 73 4.93 -8.53 2.68
N VAL A 74 4.24 -8.28 3.79
CA VAL A 74 3.47 -7.03 3.92
C VAL A 74 4.13 -6.26 5.03
N VAL A 75 4.28 -4.96 4.85
CA VAL A 75 4.85 -4.00 5.83
C VAL A 75 3.72 -3.07 6.29
N PHE A 76 3.50 -3.08 7.59
CA PHE A 76 2.47 -2.23 8.24
C PHE A 76 3.02 -1.71 9.56
N LEU A 77 2.90 -0.40 9.75
CA LEU A 77 3.50 0.32 10.92
C LEU A 77 4.93 -0.15 11.18
N SER A 78 5.76 -0.20 10.16
CA SER A 78 7.20 -0.49 10.26
C SER A 78 7.44 -1.94 10.71
N GLY A 79 6.45 -2.81 10.52
CA GLY A 79 6.60 -4.24 10.81
C GLY A 79 6.37 -5.12 9.58
N GLU A 80 7.24 -6.13 9.40
CA GLU A 80 7.18 -7.09 8.28
C GLU A 80 6.45 -8.34 8.73
N TYR A 81 5.46 -8.74 7.95
CA TYR A 81 4.67 -9.99 8.09
C TYR A 81 4.94 -10.83 6.87
N VAL A 82 5.43 -12.06 7.12
CA VAL A 82 6.10 -12.89 6.11
C VAL A 82 5.16 -14.02 5.65
N GLY A 83 4.95 -14.07 4.34
CA GLY A 83 4.26 -15.18 3.69
C GLY A 83 2.76 -15.23 3.99
N TYR A 84 2.10 -16.28 3.48
CA TYR A 84 0.68 -16.47 3.75
C TYR A 84 0.41 -16.30 5.25
N GLU A 85 1.19 -16.95 6.10
CA GLU A 85 0.87 -16.99 7.55
C GLU A 85 0.90 -15.58 8.07
N GLY A 86 1.90 -14.82 7.65
CA GLY A 86 2.05 -13.44 8.10
C GLY A 86 0.92 -12.57 7.59
N VAL A 87 0.56 -12.73 6.32
CA VAL A 87 -0.53 -11.88 5.74
C VAL A 87 -1.86 -12.22 6.45
N MET A 88 -2.09 -13.50 6.72
CA MET A 88 -3.33 -13.91 7.44
C MET A 88 -3.31 -13.41 8.88
N ARG A 89 -2.16 -13.29 9.49
CA ARG A 89 -2.11 -12.76 10.87
C ARG A 89 -2.44 -11.27 10.82
N LEU A 90 -1.88 -10.51 9.87
CA LEU A 90 -2.24 -9.07 9.83
C LEU A 90 -3.70 -8.89 9.48
N TYR A 91 -4.14 -9.37 8.31
CA TYR A 91 -5.46 -8.98 7.77
C TYR A 91 -6.52 -9.77 8.56
N GLY A 92 -6.15 -10.95 9.08
CA GLY A 92 -7.07 -11.88 9.74
C GLY A 92 -7.08 -11.70 11.25
N THR A 93 -6.04 -12.22 11.89
CA THR A 93 -5.92 -12.18 13.36
C THR A 93 -6.11 -10.74 13.85
N TRP A 94 -5.42 -9.80 13.28
CA TRP A 94 -5.53 -8.41 13.77
C TRP A 94 -6.76 -7.73 13.16
N PHE A 95 -6.79 -7.48 11.87
CA PHE A 95 -7.77 -6.54 11.28
C PHE A 95 -9.17 -7.13 11.33
N GLN A 96 -9.34 -8.40 10.93
CA GLN A 96 -10.72 -8.93 10.80
C GLN A 96 -11.33 -9.01 12.22
N ASN A 97 -10.55 -9.42 13.23
CA ASN A 97 -11.10 -9.45 14.63
C ASN A 97 -11.47 -8.04 15.04
N ARG A 98 -10.59 -7.08 14.77
CA ARG A 98 -10.80 -5.68 15.18
C ARG A 98 -12.11 -5.13 14.57
N PHE A 99 -12.36 -5.38 13.29
CA PHE A 99 -13.42 -4.66 12.56
C PHE A 99 -14.70 -5.48 12.51
N THR A 100 -14.62 -6.81 12.45
CA THR A 100 -15.86 -7.60 12.27
C THR A 100 -15.97 -8.68 13.34
N GLY A 101 -15.08 -8.76 14.29
CA GLY A 101 -15.10 -9.89 15.24
C GLY A 101 -14.80 -11.20 14.57
N GLY A 102 -14.08 -11.24 13.45
CA GLY A 102 -13.65 -12.50 12.85
C GLY A 102 -14.65 -13.04 11.88
N ARG A 103 -15.44 -12.15 11.25
CA ARG A 103 -16.38 -12.54 10.19
C ARG A 103 -15.84 -12.02 8.86
N ARG A 104 -15.98 -12.82 7.81
CA ARG A 104 -15.84 -12.33 6.42
C ARG A 104 -16.93 -11.31 6.19
N GLY A 105 -16.56 -10.15 5.68
CA GLY A 105 -17.48 -9.04 5.45
C GLY A 105 -18.03 -9.06 4.02
N PRO A 106 -18.88 -8.09 3.67
CA PRO A 106 -19.25 -7.01 4.58
C PRO A 106 -20.30 -7.42 5.60
N VAL A 107 -20.39 -6.67 6.69
CA VAL A 107 -21.35 -6.94 7.77
C VAL A 107 -22.07 -5.64 8.07
N HIS A 108 -23.24 -5.79 8.69
CA HIS A 108 -24.13 -4.71 9.15
C HIS A 108 -23.35 -3.61 9.83
N GLY A 109 -23.53 -2.39 9.35
CA GLY A 109 -23.10 -1.15 10.00
C GLY A 109 -21.62 -1.00 10.07
N LEU A 110 -20.82 -1.77 9.32
CA LEU A 110 -19.32 -1.64 9.41
C LEU A 110 -18.79 -1.17 8.06
N LEU A 111 -18.23 0.03 8.04
CA LEU A 111 -17.65 0.64 6.82
C LEU A 111 -16.12 0.56 6.92
N LEU A 112 -15.49 0.09 5.83
CA LEU A 112 -14.03 0.08 5.72
C LEU A 112 -13.68 0.24 4.24
N ASP A 113 -14.10 1.35 3.66
CA ASP A 113 -13.87 1.56 2.22
C ASP A 113 -12.51 2.23 1.99
N HIS A 114 -11.57 1.49 1.41
CA HIS A 114 -10.22 1.99 1.11
C HIS A 114 -10.16 2.38 -0.36
N PHE A 115 -10.50 3.62 -0.68
CA PHE A 115 -10.58 4.07 -2.06
C PHE A 115 -9.14 4.07 -2.59
N GLN A 116 -8.86 3.28 -3.62
CA GLN A 116 -7.50 3.11 -4.15
C GLN A 116 -7.32 3.93 -5.42
N LEU A 117 -6.20 4.64 -5.59
CA LEU A 117 -6.02 5.42 -6.82
C LEU A 117 -4.57 5.81 -7.07
N GLN A 118 -4.34 6.44 -8.20
CA GLN A 118 -3.08 7.16 -8.49
C GLN A 118 -1.90 6.16 -8.59
N ASP A 119 -2.06 5.15 -9.43
CA ASP A 119 -1.02 4.10 -9.64
C ASP A 119 0.06 4.69 -10.51
N ILE A 120 1.33 4.52 -10.15
CA ILE A 120 2.43 4.76 -11.10
C ILE A 120 3.28 3.50 -11.08
N ILE A 121 3.25 2.74 -12.13
CA ILE A 121 3.87 1.38 -12.10
C ILE A 121 5.12 1.48 -12.96
N THR A 122 6.19 0.86 -12.52
CA THR A 122 7.43 0.78 -13.30
C THR A 122 7.83 -0.69 -13.43
N VAL A 123 7.66 -1.24 -14.62
CA VAL A 123 8.06 -2.67 -14.89
C VAL A 123 9.56 -2.74 -15.19
N ALA A 124 10.27 -3.69 -14.58
CA ALA A 124 11.70 -3.93 -14.90
C ALA A 124 11.83 -4.25 -16.38
N GLU A 125 12.96 -3.87 -16.93
CA GLU A 125 13.31 -4.07 -18.36
C GLU A 125 13.15 -5.54 -18.72
N ASP A 126 13.47 -6.48 -17.82
CA ASP A 126 13.42 -7.93 -18.15
C ASP A 126 11.98 -8.48 -18.02
N GLY A 127 11.01 -7.66 -17.60
CA GLY A 127 9.60 -8.07 -17.48
C GLY A 127 9.34 -9.03 -16.32
N GLN A 128 10.26 -9.26 -15.36
CA GLN A 128 10.10 -10.29 -14.31
C GLN A 128 9.73 -9.70 -12.96
N THR A 129 9.98 -8.41 -12.77
CA THR A 129 9.65 -7.69 -11.53
C THR A 129 9.12 -6.32 -11.90
N ALA A 130 8.50 -5.69 -10.90
CA ALA A 130 7.98 -4.32 -11.02
C ALA A 130 7.85 -3.64 -9.67
N LYS A 131 7.75 -2.31 -9.74
CA LYS A 131 7.43 -1.42 -8.64
C LYS A 131 6.18 -0.65 -8.99
N GLY A 132 5.43 -0.29 -7.97
CA GLY A 132 4.27 0.58 -8.13
C GLY A 132 4.10 1.42 -6.91
N ARG A 133 3.85 2.69 -7.17
CA ARG A 133 3.36 3.62 -6.15
C ARG A 133 1.84 3.72 -6.33
N PHE A 134 1.14 3.69 -5.23
CA PHE A 134 -0.33 3.84 -5.18
C PHE A 134 -0.72 4.56 -3.90
N ARG A 135 -2.01 4.90 -3.78
CA ARG A 135 -2.48 5.51 -2.51
C ARG A 135 -3.92 5.08 -2.28
N GLY A 136 -4.32 5.21 -1.01
CA GLY A 136 -5.67 4.96 -0.56
C GLY A 136 -6.19 6.06 0.33
N ILE A 137 -7.46 6.33 0.23
CA ILE A 137 -8.17 7.10 1.30
C ILE A 137 -9.28 6.22 1.84
N LEU A 138 -9.18 5.97 3.15
CA LEU A 138 -10.08 5.08 3.92
C LEU A 138 -11.16 5.91 4.63
N ALA A 139 -12.41 5.57 4.35
CA ALA A 139 -13.55 5.96 5.17
C ALA A 139 -13.91 4.73 6.02
N GLY A 140 -13.74 4.86 7.33
CA GLY A 140 -13.87 3.78 8.28
C GLY A 140 -14.85 4.05 9.37
N GLY A 141 -15.50 2.99 9.82
CA GLY A 141 -16.27 3.17 11.06
C GLY A 141 -17.42 2.20 11.32
N TRP A 142 -17.90 2.29 12.56
CA TRP A 142 -19.06 1.55 13.10
C TRP A 142 -20.27 2.46 13.17
N HIS A 143 -21.38 2.04 12.54
CA HIS A 143 -22.67 2.72 12.69
C HIS A 143 -23.10 2.60 14.16
N ASP A 144 -23.84 3.57 14.66
CA ASP A 144 -24.41 3.51 16.03
C ASP A 144 -25.04 2.15 16.30
N GLU A 145 -25.67 1.50 15.32
CA GLU A 145 -26.35 0.18 15.60
C GLU A 145 -25.34 -0.89 15.97
N VAL A 146 -24.06 -0.76 15.63
CA VAL A 146 -23.06 -1.82 15.99
C VAL A 146 -21.87 -1.21 16.73
N LEU A 147 -22.07 -0.04 17.33
CA LEU A 147 -20.97 0.67 18.07
C LEU A 147 -20.44 -0.17 19.23
N HIS A 148 -21.29 -1.00 19.81
CA HIS A 148 -20.87 -1.85 20.96
C HIS A 148 -19.84 -2.88 20.50
N GLU A 149 -19.66 -3.11 19.19
CA GLU A 149 -18.65 -4.12 18.73
C GLU A 149 -17.27 -3.49 18.62
N LYS A 150 -17.15 -2.16 18.66
CA LYS A 150 -15.89 -1.42 18.44
C LYS A 150 -15.00 -1.57 19.64
N PRO A 151 -13.71 -1.88 19.44
CA PRO A 151 -12.75 -1.89 20.55
C PRO A 151 -12.52 -0.49 21.07
N ASP A 152 -12.10 -0.41 22.30
CA ASP A 152 -11.97 0.89 22.99
C ASP A 152 -10.94 1.84 22.32
N GLU A 153 -9.89 1.33 21.72
CA GLU A 153 -8.77 2.23 21.30
C GLU A 153 -9.13 3.04 20.03
N VAL A 154 -10.23 2.74 19.34
CA VAL A 154 -10.41 3.11 17.91
C VAL A 154 -11.50 4.11 17.84
N PRO A 155 -11.38 5.15 17.02
CA PRO A 155 -12.48 6.09 16.89
C PRO A 155 -13.66 5.39 16.18
N GLN A 156 -14.87 5.81 16.54
CA GLN A 156 -16.12 5.30 15.92
C GLN A 156 -16.09 5.49 14.39
N GLN A 157 -15.67 6.65 13.93
CA GLN A 157 -15.59 6.89 12.47
C GLN A 157 -14.40 7.81 12.20
N PHE A 158 -13.68 7.54 11.12
CA PHE A 158 -12.43 8.25 10.82
C PHE A 158 -12.14 8.16 9.35
N TRP A 159 -11.42 9.20 8.91
CA TRP A 159 -10.72 9.17 7.63
C TRP A 159 -9.27 8.74 7.88
N GLU A 160 -8.69 8.09 6.88
CA GLU A 160 -7.26 7.77 6.90
C GLU A 160 -6.72 7.79 5.47
N SER A 161 -5.50 8.28 5.31
CA SER A 161 -4.80 8.11 4.03
C SER A 161 -3.42 7.50 4.20
N GLY A 162 -3.02 6.77 3.15
CA GLY A 162 -1.72 6.12 3.11
C GLY A 162 -1.16 5.99 1.73
N LEU A 163 0.16 5.84 1.68
CA LEU A 163 0.93 5.62 0.47
C LEU A 163 1.45 4.20 0.44
N TYR A 164 1.45 3.64 -0.75
CA TYR A 164 2.08 2.34 -1.03
C TYR A 164 3.27 2.54 -1.93
N GLU A 165 4.36 1.82 -1.63
CA GLU A 165 5.45 1.62 -2.57
C GLU A 165 5.70 0.12 -2.56
N ASN A 166 5.13 -0.57 -3.54
CA ASN A 166 5.07 -2.04 -3.60
C ASN A 166 6.08 -2.61 -4.59
N ASP A 167 6.41 -3.87 -4.39
CA ASP A 167 7.20 -4.69 -5.33
C ASP A 167 6.32 -5.84 -5.83
N TYR A 168 6.49 -6.20 -7.09
CA TYR A 168 5.74 -7.26 -7.78
C TYR A 168 6.78 -8.19 -8.37
N VAL A 169 6.41 -9.46 -8.43
CA VAL A 169 7.19 -10.50 -9.11
C VAL A 169 6.27 -11.27 -10.08
N LYS A 170 6.83 -11.63 -11.24
CA LYS A 170 6.09 -12.50 -12.20
C LYS A 170 6.54 -13.96 -12.02
N GLU A 171 5.70 -14.86 -11.57
CA GLU A 171 6.07 -16.27 -11.33
C GLU A 171 5.11 -17.16 -12.09
N ASP A 172 5.65 -18.03 -12.95
CA ASP A 172 4.84 -18.99 -13.71
C ASP A 172 3.80 -18.24 -14.50
N GLY A 173 4.22 -17.09 -15.05
CA GLY A 173 3.34 -16.34 -15.95
C GLY A 173 2.39 -15.40 -15.24
N VAL A 174 2.41 -15.32 -13.92
CA VAL A 174 1.38 -14.59 -13.12
C VAL A 174 2.08 -13.52 -12.30
N TRP A 175 1.56 -12.31 -12.40
CA TRP A 175 1.94 -11.20 -11.49
C TRP A 175 1.38 -11.49 -10.10
N LYS A 176 2.27 -11.32 -9.14
CA LYS A 176 2.02 -11.50 -7.67
C LYS A 176 2.62 -10.33 -6.87
N ILE A 177 2.05 -10.05 -5.71
CA ILE A 177 2.63 -9.12 -4.70
C ILE A 177 3.84 -9.79 -4.07
N LYS A 178 4.99 -9.17 -4.22
CA LYS A 178 6.25 -9.59 -3.55
C LYS A 178 6.42 -8.77 -2.26
N ARG A 179 6.12 -7.45 -2.27
CA ARG A 179 6.18 -6.64 -1.03
CA ARG A 179 6.19 -6.63 -1.03
C ARG A 179 5.09 -5.59 -1.11
N LEU A 180 4.17 -5.64 -0.16
CA LEU A 180 3.15 -4.59 -0.04
C LEU A 180 3.65 -3.74 1.13
N ASP A 181 3.97 -2.48 0.88
CA ASP A 181 4.47 -1.60 1.96
C ASP A 181 3.48 -0.44 2.09
N TYR A 182 2.55 -0.59 3.04
CA TYR A 182 1.54 0.44 3.34
C TYR A 182 2.05 1.37 4.43
N MET A 183 2.21 2.63 4.04
CA MET A 183 2.76 3.67 4.95
C MET A 183 1.63 4.68 5.22
N MET A 184 0.91 4.44 6.28
CA MET A 184 -0.17 5.38 6.70
C MET A 184 0.43 6.78 6.88
N GLN A 185 -0.26 7.83 6.41
CA GLN A 185 0.23 9.23 6.36
C GLN A 185 -0.57 10.08 7.36
N TRP A 186 -1.88 9.83 7.48
CA TRP A 186 -2.71 10.63 8.38
C TRP A 186 -3.97 9.88 8.72
N GLN A 187 -4.50 10.22 9.89
CA GLN A 187 -5.88 9.88 10.29
C GLN A 187 -6.56 11.13 10.81
N GLY A 188 -7.89 11.14 10.68
CA GLY A 188 -8.73 12.24 11.15
C GLY A 188 -9.98 11.60 11.67
N ASP A 189 -10.26 11.74 12.94
CA ASP A 189 -11.59 11.40 13.47
C ASP A 189 -12.64 12.17 12.66
N TYR A 190 -13.76 11.56 12.32
CA TYR A 190 -14.74 12.21 11.44
C TYR A 190 -15.15 13.56 12.06
N GLU A 191 -15.34 13.59 13.37
CA GLU A 191 -15.96 14.73 14.08
C GLU A 191 -14.98 15.90 14.13
N THR A 192 -13.68 15.63 14.16
CA THR A 192 -12.67 16.69 14.45
C THR A 192 -11.74 16.96 13.26
N GLY A 193 -11.48 15.96 12.40
CA GLY A 193 -10.63 16.14 11.21
C GLY A 193 -9.17 15.86 11.47
N TRP A 194 -8.41 15.84 10.41
CA TRP A 194 -6.96 15.54 10.54
C TRP A 194 -6.24 16.61 11.39
N ALA A 195 -6.66 17.87 11.39
CA ALA A 195 -5.99 18.97 12.10
C ALA A 195 -5.97 18.75 13.62
N HIS A 196 -6.98 18.05 14.16
CA HIS A 196 -7.14 17.90 15.61
C HIS A 196 -7.00 16.43 16.05
N THR A 197 -6.46 15.57 15.21
CA THR A 197 -6.39 14.13 15.50
C THR A 197 -4.93 13.75 15.54
N VAL A 198 -4.54 12.93 16.51
CA VAL A 198 -3.23 12.22 16.50
C VAL A 198 -3.50 10.77 16.07
N ALA A 199 -2.60 10.16 15.30
CA ALA A 199 -2.86 8.77 14.83
C ALA A 199 -3.16 7.90 16.07
N HIS A 200 -4.11 6.98 15.99
CA HIS A 200 -4.37 5.97 17.03
C HIS A 200 -3.53 4.72 16.76
N LEU A 201 -2.69 4.71 15.75
CA LEU A 201 -1.73 3.60 15.54
C LEU A 201 -0.32 4.19 15.62
N GLN A 202 0.60 3.41 16.18
CA GLN A 202 2.00 3.78 16.40
C GLN A 202 2.86 2.70 15.73
N PRO A 203 4.14 3.00 15.44
CA PRO A 203 5.06 1.97 14.92
C PRO A 203 5.10 0.72 15.81
N ALA A 204 5.30 -0.43 15.17
CA ALA A 204 5.36 -1.73 15.84
C ALA A 204 6.43 -1.68 16.93
N LEU A 205 6.16 -2.38 18.02
CA LEU A 205 7.06 -2.49 19.20
C LEU A 205 7.33 -3.96 19.52
N VAL A 206 6.37 -4.87 19.36
CA VAL A 206 6.55 -6.27 19.82
C VAL A 206 6.26 -7.20 18.65
N CYS A 207 7.18 -8.08 18.30
CA CYS A 207 6.95 -9.10 17.26
C CYS A 207 6.04 -10.23 17.74
N TYR A 208 5.44 -10.88 16.77
CA TYR A 208 4.88 -12.24 16.87
C TYR A 208 6.00 -13.21 17.23
N PRO A 209 5.83 -14.22 18.09
CA PRO A 209 4.52 -14.56 18.69
C PRO A 209 4.27 -13.94 20.06
N GLU A 210 5.20 -13.20 20.64
CA GLU A 210 4.86 -12.52 21.92
C GLU A 210 3.59 -11.68 21.71
N ASN A 211 3.53 -10.90 20.64
CA ASN A 211 2.38 -10.03 20.29
C ASN A 211 1.56 -10.79 19.24
N PRO A 212 0.36 -11.29 19.57
CA PRO A 212 -0.33 -12.15 18.63
C PRO A 212 -0.65 -11.41 17.30
N ASP A 213 -0.67 -10.08 17.32
CA ASP A 213 -0.98 -9.22 16.15
C ASP A 213 0.30 -8.71 15.49
N GLY A 214 1.44 -9.12 16.02
CA GLY A 214 2.73 -8.49 15.74
C GLY A 214 3.37 -8.99 14.46
N PRO A 215 4.34 -8.20 13.92
CA PRO A 215 5.13 -8.63 12.77
C PRO A 215 6.14 -9.75 13.13
N ASP A 216 6.58 -10.47 12.08
CA ASP A 216 7.72 -11.41 12.13
C ASP A 216 8.97 -10.62 12.48
N ARG A 217 9.13 -9.36 12.06
CA ARG A 217 10.34 -8.55 12.37
C ARG A 217 9.95 -7.10 12.26
N ILE A 218 10.66 -6.28 12.99
CA ILE A 218 10.52 -4.82 12.90
C ILE A 218 11.61 -4.29 11.98
N LEU A 219 11.28 -3.36 11.11
CA LEU A 219 12.27 -2.78 10.21
C LEU A 219 13.41 -2.24 11.06
N PRO A 220 14.60 -2.09 10.46
CA PRO A 220 15.70 -1.43 11.15
C PRO A 220 15.24 -0.02 11.51
N GLN A 221 15.77 0.47 12.63
CA GLN A 221 15.36 1.76 13.24
C GLN A 221 15.38 2.90 12.22
N LYS A 222 16.39 2.96 11.37
CA LYS A 222 16.53 4.06 10.42
C LYS A 222 15.28 4.10 9.54
N ASP A 223 14.58 2.97 9.39
CA ASP A 223 13.46 2.89 8.43
C ASP A 223 12.14 2.98 9.21
N VAL A 224 12.16 3.06 10.56
CA VAL A 224 10.92 3.04 11.36
C VAL A 224 10.23 4.41 11.24
N ARG A 225 8.92 4.45 11.08
CA ARG A 225 8.24 5.76 10.88
C ARG A 225 7.32 6.06 12.08
N GLN A 226 7.49 7.24 12.68
CA GLN A 226 6.50 7.79 13.61
C GLN A 226 5.26 8.13 12.79
N THR A 227 4.12 8.23 13.41
CA THR A 227 2.85 8.42 12.68
C THR A 227 2.37 9.87 12.86
N TRP A 228 1.32 10.22 12.12
CA TRP A 228 0.66 11.56 12.14
C TRP A 228 0.48 12.04 13.57
N PRO A 229 0.87 13.30 13.88
CA PRO A 229 1.32 14.34 12.94
C PRO A 229 2.77 14.36 12.41
N HIS A 230 3.60 13.43 12.82
CA HIS A 230 4.94 13.20 12.18
C HIS A 230 4.74 12.85 10.69
N ARG A 231 5.66 13.34 9.87
CA ARG A 231 5.66 13.10 8.42
C ARG A 231 7.06 12.77 7.98
N TYR A 232 7.18 11.85 7.04
CA TYR A 232 8.49 11.43 6.46
C TYR A 232 8.24 11.26 4.98
N GLU A 233 9.20 11.62 4.14
CA GLU A 233 9.03 11.34 2.72
C GLU A 233 8.94 9.84 2.47
N VAL A 234 8.14 9.49 1.48
CA VAL A 234 8.19 8.13 0.90
C VAL A 234 8.79 8.35 -0.47
N PRO A 235 10.07 8.01 -0.70
CA PRO A 235 10.72 8.29 -1.99
C PRO A 235 9.89 7.73 -3.17
N MET A 236 9.96 8.39 -4.29
CA MET A 236 9.23 7.93 -5.47
C MET A 236 9.97 6.70 -5.97
N SER A 237 9.26 5.64 -6.39
CA SER A 237 9.87 4.50 -7.12
C SER A 237 10.05 4.86 -8.61
N PHE A 238 9.50 5.98 -9.08
CA PHE A 238 9.58 6.37 -10.51
C PHE A 238 10.59 7.51 -10.67
N ALA A 239 11.32 7.49 -11.78
CA ALA A 239 12.12 8.60 -12.24
C ALA A 239 11.22 9.75 -12.66
N HIS A 240 11.82 10.91 -12.64
CA HIS A 240 11.13 12.12 -13.11
C HIS A 240 10.69 11.87 -14.57
N PRO A 241 9.39 11.93 -14.88
CA PRO A 241 8.97 11.38 -16.19
C PRO A 241 9.31 12.21 -17.41
N VAL A 242 9.81 13.41 -17.20
CA VAL A 242 10.27 14.25 -18.34
C VAL A 242 11.81 14.33 -18.39
N LEU A 243 12.50 14.64 -17.29
CA LEU A 243 13.95 14.88 -17.32
C LEU A 243 14.69 13.63 -16.88
N GLY A 244 14.01 12.65 -16.28
CA GLY A 244 14.67 11.41 -15.82
C GLY A 244 15.75 11.66 -14.78
N LYS A 245 16.78 10.85 -14.78
CA LYS A 245 17.94 10.96 -13.85
C LYS A 245 18.66 12.30 -14.05
N ALA A 246 18.45 13.01 -15.16
CA ALA A 246 19.08 14.32 -15.34
C ALA A 246 18.39 15.39 -14.48
N PHE A 247 17.19 15.12 -13.96
CA PHE A 247 16.49 16.11 -13.13
C PHE A 247 17.40 16.51 -11.96
N MET A 248 17.59 17.80 -11.74
CA MET A 248 18.31 18.30 -10.52
C MET A 248 17.52 19.45 -9.89
N VAL A 249 17.19 19.31 -8.60
CA VAL A 249 16.38 20.29 -7.86
C VAL A 249 17.03 21.67 -8.04
N GLU A 250 18.37 21.73 -7.97
CA GLU A 250 19.11 23.01 -7.80
C GLU A 250 19.03 23.79 -9.12
N ASN A 251 18.65 23.13 -10.18
CA ASN A 251 18.45 23.80 -11.50
C ASN A 251 17.20 24.68 -11.44
N PHE A 252 16.26 24.45 -10.54
CA PHE A 252 14.99 25.21 -10.54
C PHE A 252 14.78 26.09 -9.28
N THR A 253 15.31 25.70 -8.12
CA THR A 253 15.08 26.42 -6.84
C THR A 253 15.36 27.93 -6.98
N PRO A 254 16.45 28.34 -7.68
CA PRO A 254 16.81 29.75 -7.77
C PRO A 254 15.71 30.59 -8.41
N MET A 255 14.78 29.95 -9.15
CA MET A 255 13.71 30.75 -9.78
C MET A 255 12.60 31.15 -8.80
N MET A 256 12.53 30.58 -7.60
CA MET A 256 11.50 31.00 -6.63
C MET A 256 12.14 31.91 -5.60
N MET A 257 11.29 32.59 -4.86
CA MET A 257 11.67 33.45 -3.72
C MET A 257 11.18 32.76 -2.44
N LYS A 258 12.06 32.48 -1.51
CA LYS A 258 11.65 32.09 -0.14
C LYS A 258 11.25 33.33 0.65
N LYS A 259 10.09 33.37 1.27
CA LYS A 259 9.61 34.56 1.99
C LYS A 259 9.99 34.46 3.47
N GLU A 260 10.08 35.61 4.17
CA GLU A 260 10.39 35.72 5.62
C GLU A 260 9.36 34.92 6.46
N LYS A 261 8.07 34.92 6.09
CA LYS A 261 7.05 34.01 6.70
C LYS A 261 5.99 33.60 5.68
N PRO A 262 5.25 32.50 6.00
CA PRO A 262 4.12 32.08 5.15
C PRO A 262 3.09 33.20 4.91
N ALA A 263 2.61 33.34 3.66
CA ALA A 263 1.59 34.31 3.20
C ALA A 263 0.49 33.60 2.41
C1 GOL B . 6.08 1.30 -17.46
O1 GOL B . 6.98 0.36 -16.88
C2 GOL B . 6.84 2.61 -17.52
O2 GOL B . 6.47 3.37 -18.66
C3 GOL B . 8.36 2.43 -17.52
O3 GOL B . 9.03 3.69 -17.66
C1 GOL C . 0.19 5.84 -15.74
O1 GOL C . -0.24 5.35 -17.00
C2 GOL C . -0.14 4.76 -14.79
O2 GOL C . -1.54 4.46 -14.84
C3 GOL C . 0.68 3.54 -15.08
O3 GOL C . 1.17 3.13 -13.85
S SO4 D . -17.74 17.63 10.85
O1 SO4 D . -18.60 18.73 10.46
O2 SO4 D . -17.20 16.99 9.66
O3 SO4 D . -18.50 16.67 11.62
O4 SO4 D . -16.64 18.13 11.66
C1 LJU E . -1.69 -3.01 5.37
C2 LJU E . -3.55 -1.59 4.93
C3 LJU E . -3.76 -1.22 6.23
C4 LJU E . -4.53 -0.12 6.56
C5 LJU E . -4.67 0.23 8.04
C6 LJU E . -6.16 0.34 8.40
C10 LJU E . -7.29 1.96 11.65
C11 LJU E . -7.07 0.95 12.56
C12 LJU E . -6.50 -0.25 12.16
C13 LJU E . -5.39 -2.21 13.08
C16 LJU E . -4.96 0.20 4.20
C17 LJU E . -4.16 -0.88 3.91
O1 LJU E . -2.78 -2.66 4.55
O2 LJU E . -4.01 1.40 8.54
C7 LJU E . -6.80 -0.90 7.83
O3 LJU E . -8.09 -0.68 7.62
C8 LJU E . -6.43 0.56 9.89
C9 LJU E . -6.96 1.76 10.32
O4 LJU E . -7.37 1.08 13.88
O5 LJU E . -6.35 -1.16 13.17
C14 LJU E . -6.19 -0.45 10.82
C15 LJU E . -5.14 0.58 5.53
O6 LJU E . -3.87 -1.26 2.63
C7 LJL F . -6.04 0.00 10.03
C8 LJL F . -6.62 1.26 10.19
C9 LJL F . -7.07 1.69 11.43
O1 LJL F . -4.31 1.31 8.22
C1 LJL F . -3.80 -1.56 4.92
O5 LJL F . -3.75 -1.36 2.56
C5 LJL F . -5.66 -0.55 8.66
C6 LJL F . -6.80 -1.34 8.04
C4 LJL F . -5.38 0.55 7.63
O4 LJL F . -6.33 -1.15 13.50
C3 LJL F . -5.02 0.01 6.25
O3 LJL F . -7.39 1.18 13.76
C2 LJL F . -4.22 -1.12 6.15
C16 LJL F . -4.20 -0.92 3.77
O LJL F . -3.00 -2.67 4.73
C LJL F . -1.88 -2.82 5.60
C15 LJL F . -5.01 0.21 3.85
C14 LJL F . -5.39 0.68 5.09
O2 LJL F . -7.65 -0.40 7.51
C13 LJL F . -5.97 -0.85 11.12
C11 LJL F . -6.40 -0.41 12.36
C12 LJL F . -5.46 -2.30 13.47
C10 LJL F . -6.96 0.85 12.52
#